data_7T35
#
_entry.id   7T35
#
_cell.length_a   92.420
_cell.length_b   92.420
_cell.length_c   87.830
_cell.angle_alpha   90.000
_cell.angle_beta   90.000
_cell.angle_gamma   90.000
#
_symmetry.space_group_name_H-M   'I 4 2 2'
#
loop_
_entity.id
_entity.type
_entity.pdbx_description
1 polymer '3-deoxy-D-manno-octulosonate 8-phosphate phosphatase KdsC'
2 water water
#
_entity_poly.entity_id   1
_entity_poly.type   'polypeptide(L)'
_entity_poly.pdbx_seq_one_letter_code
;MAHHHHHHMNNADAQLATCYGPVSQAFVDRAAKIRLLILDVDGVLSDGLIYMGNHGEELKAFNVRDGYGIRCALTSGIEV
AIITGRKAKLVEDRCQTLGITHLYQGQSDKLLAFRDLTDKLHVRPEEVAYIGDDLIDWPVMAEVGLSVAVADAHPLLLPR
ANYVTRINGGRGAVREVCDLLLLAQGKLDEAKGQSI
;
_entity_poly.pdbx_strand_id   A
#
# COMPACT_ATOMS: atom_id res chain seq x y z
N ALA A 12 14.18 5.07 -21.24
CA ALA A 12 13.27 5.94 -20.51
C ALA A 12 12.49 5.16 -19.47
N ASP A 13 11.19 5.00 -19.70
CA ASP A 13 10.29 4.31 -18.76
C ASP A 13 9.69 3.09 -19.45
N ALA A 14 10.54 2.09 -19.71
CA ALA A 14 10.13 0.83 -20.31
C ALA A 14 9.96 -0.23 -19.22
N GLN A 15 9.77 -1.48 -19.65
CA GLN A 15 9.26 -2.52 -18.78
C GLN A 15 10.39 -3.32 -18.14
N LEU A 16 10.27 -3.55 -16.83
CA LEU A 16 11.16 -4.42 -16.07
C LEU A 16 10.34 -5.60 -15.57
N ALA A 17 10.74 -6.81 -15.96
CA ALA A 17 9.99 -8.01 -15.61
C ALA A 17 10.04 -8.27 -14.11
N THR A 18 8.88 -8.60 -13.53
CA THR A 18 8.81 -9.12 -12.18
C THR A 18 7.96 -10.37 -12.19
N CYS A 19 7.99 -11.11 -11.07
CA CYS A 19 7.14 -12.28 -10.96
C CYS A 19 5.66 -11.94 -10.81
N TYR A 20 5.32 -10.66 -10.66
CA TYR A 20 3.94 -10.22 -10.70
C TYR A 20 3.53 -9.66 -12.06
N GLY A 21 4.44 -9.66 -13.03
CA GLY A 21 4.20 -8.98 -14.28
C GLY A 21 5.09 -7.77 -14.39
N PRO A 22 5.13 -7.16 -15.57
CA PRO A 22 6.07 -6.07 -15.81
C PRO A 22 5.64 -4.82 -15.05
N VAL A 23 6.64 -3.99 -14.74
CA VAL A 23 6.43 -2.67 -14.17
C VAL A 23 7.26 -1.69 -14.98
N SER A 24 6.89 -0.43 -14.91
CA SER A 24 7.67 0.59 -15.60
C SER A 24 8.89 0.99 -14.78
N GLN A 25 9.89 1.52 -15.48
CA GLN A 25 11.03 2.14 -14.79
C GLN A 25 10.56 3.31 -13.93
N ALA A 26 9.58 4.07 -14.44
CA ALA A 26 8.93 5.10 -13.63
C ALA A 26 8.52 4.54 -12.27
N PHE A 27 7.76 3.44 -12.27
CA PHE A 27 7.38 2.79 -11.01
C PHE A 27 8.60 2.41 -10.19
N VAL A 28 9.63 1.86 -10.85
CA VAL A 28 10.83 1.45 -10.13
C VAL A 28 11.54 2.65 -9.52
N ASP A 29 11.70 3.71 -10.31
CA ASP A 29 12.30 4.93 -9.77
C ASP A 29 11.45 5.49 -8.63
N ARG A 30 10.13 5.31 -8.70
CA ARG A 30 9.27 5.74 -7.60
C ARG A 30 9.49 4.88 -6.37
N ALA A 31 9.40 3.55 -6.53
CA ALA A 31 9.47 2.66 -5.37
C ALA A 31 10.84 2.68 -4.71
N ALA A 32 11.88 3.06 -5.44
CA ALA A 32 13.21 3.04 -4.84
C ALA A 32 13.46 4.19 -3.88
N LYS A 33 12.53 5.12 -3.74
CA LYS A 33 12.66 6.21 -2.78
C LYS A 33 11.82 5.99 -1.52
N ILE A 34 11.09 4.88 -1.44
CA ILE A 34 10.02 4.75 -0.45
C ILE A 34 10.60 4.30 0.89
N ARG A 35 10.22 5.02 1.95
CA ARG A 35 10.60 4.66 3.32
C ARG A 35 9.42 4.58 4.26
N LEU A 36 8.22 4.94 3.84
CA LEU A 36 7.02 4.83 4.65
C LEU A 36 5.91 4.28 3.75
N LEU A 37 5.31 3.18 4.16
CA LEU A 37 4.19 2.58 3.44
C LEU A 37 2.94 2.76 4.31
N ILE A 38 1.92 3.43 3.76
CA ILE A 38 0.67 3.69 4.46
C ILE A 38 -0.41 2.80 3.86
N LEU A 39 -1.15 2.11 4.74
CA LEU A 39 -2.08 1.06 4.34
C LEU A 39 -3.45 1.31 4.95
N ASP A 40 -4.48 1.35 4.11
CA ASP A 40 -5.85 1.24 4.60
C ASP A 40 -6.09 -0.16 5.15
N VAL A 41 -7.14 -0.27 5.98
CA VAL A 41 -7.55 -1.57 6.49
C VAL A 41 -8.54 -2.19 5.51
N ASP A 42 -9.74 -1.61 5.46
CA ASP A 42 -10.85 -2.21 4.73
C ASP A 42 -10.59 -2.19 3.23
N GLY A 43 -10.50 -3.38 2.63
CA GLY A 43 -10.33 -3.52 1.20
C GLY A 43 -8.91 -3.56 0.71
N VAL A 44 -7.94 -3.57 1.62
CA VAL A 44 -6.52 -3.54 1.25
C VAL A 44 -5.81 -4.65 2.00
N LEU A 45 -5.98 -4.66 3.32
CA LEU A 45 -5.58 -5.78 4.17
C LEU A 45 -6.72 -6.75 4.43
N SER A 46 -7.96 -6.33 4.25
CA SER A 46 -9.13 -7.18 4.42
C SER A 46 -9.80 -7.38 3.07
N ASP A 47 -10.72 -8.37 3.02
CA ASP A 47 -11.52 -8.58 1.82
C ASP A 47 -12.51 -7.47 1.59
N GLY A 48 -12.48 -6.39 2.37
CA GLY A 48 -13.49 -5.38 2.33
C GLY A 48 -14.78 -5.74 3.04
N LEU A 49 -14.86 -6.94 3.61
CA LEU A 49 -16.04 -7.38 4.33
C LEU A 49 -15.85 -7.20 5.83
N ILE A 50 -16.94 -6.87 6.52
CA ILE A 50 -17.00 -6.91 7.97
C ILE A 50 -18.04 -7.96 8.34
N TYR A 51 -17.62 -8.94 9.13
CA TYR A 51 -18.46 -10.07 9.47
C TYR A 51 -19.14 -9.75 10.79
N MET A 52 -20.39 -9.29 10.71
CA MET A 52 -21.18 -8.93 11.87
C MET A 52 -22.11 -10.08 12.24
N GLY A 53 -22.30 -10.27 13.54
CA GLY A 53 -23.16 -11.32 14.03
C GLY A 53 -24.25 -10.77 14.92
N ASN A 54 -25.29 -11.60 15.14
CA ASN A 54 -26.42 -11.20 15.97
C ASN A 54 -26.00 -10.91 17.40
N HIS A 55 -25.00 -11.65 17.91
CA HIS A 55 -24.53 -11.53 19.28
C HIS A 55 -23.53 -10.36 19.47
N GLY A 56 -23.54 -9.37 18.59
CA GLY A 56 -22.68 -8.21 18.75
C GLY A 56 -21.25 -8.37 18.24
N GLU A 57 -20.96 -9.45 17.53
CA GLU A 57 -19.61 -9.64 17.03
C GLU A 57 -19.37 -8.81 15.78
N GLU A 58 -18.10 -8.46 15.57
CA GLU A 58 -17.65 -7.87 14.31
C GLU A 58 -16.28 -8.45 14.00
N LEU A 59 -16.15 -9.06 12.83
CA LEU A 59 -14.91 -9.69 12.42
C LEU A 59 -14.43 -9.09 11.11
N LYS A 60 -13.12 -9.17 10.90
CA LYS A 60 -12.51 -8.90 9.60
C LYS A 60 -11.52 -10.02 9.30
N ALA A 61 -11.22 -10.21 8.02
CA ALA A 61 -10.30 -11.25 7.58
C ALA A 61 -9.07 -10.62 6.96
N PHE A 62 -7.91 -10.88 7.54
CA PHE A 62 -6.63 -10.40 7.01
C PHE A 62 -5.82 -11.56 6.46
N ASN A 63 -4.93 -11.25 5.52
CA ASN A 63 -4.17 -12.27 4.80
C ASN A 63 -2.80 -12.49 5.44
N VAL A 64 -2.41 -13.77 5.53
CA VAL A 64 -1.18 -14.13 6.22
C VAL A 64 0.03 -13.75 5.38
N ARG A 65 -0.07 -13.88 4.05
CA ARG A 65 1.03 -13.45 3.19
C ARG A 65 1.31 -11.96 3.31
N ASP A 66 0.27 -11.17 3.63
CA ASP A 66 0.48 -9.73 3.83
C ASP A 66 1.32 -9.45 5.06
N GLY A 67 1.00 -10.09 6.19
CA GLY A 67 1.74 -9.83 7.42
C GLY A 67 3.23 -10.09 7.29
N TYR A 68 3.61 -11.10 6.51
CA TYR A 68 5.02 -11.35 6.23
C TYR A 68 5.60 -10.26 5.34
N GLY A 69 4.85 -9.82 4.33
CA GLY A 69 5.31 -8.72 3.51
C GLY A 69 5.56 -7.46 4.33
N ILE A 70 4.69 -7.20 5.30
CA ILE A 70 4.86 -6.05 6.17
C ILE A 70 6.11 -6.21 7.03
N ARG A 71 6.39 -7.44 7.48
CA ARG A 71 7.56 -7.66 8.33
C ARG A 71 8.86 -7.51 7.57
N CYS A 72 8.89 -7.99 6.32
CA CYS A 72 10.07 -7.79 5.48
C CYS A 72 10.35 -6.30 5.32
N ALA A 73 9.34 -5.54 4.87
CA ALA A 73 9.47 -4.10 4.72
C ALA A 73 9.96 -3.44 6.02
N LEU A 74 9.35 -3.82 7.14
CA LEU A 74 9.73 -3.21 8.42
C LEU A 74 11.20 -3.49 8.74
N THR A 75 11.65 -4.74 8.56
CA THR A 75 13.05 -5.05 8.83
C THR A 75 13.98 -4.60 7.71
N SER A 76 13.44 -4.22 6.56
CA SER A 76 14.24 -3.70 5.45
C SER A 76 14.34 -2.19 5.46
N GLY A 77 13.75 -1.51 6.44
CA GLY A 77 13.84 -0.07 6.52
C GLY A 77 12.67 0.69 5.94
N ILE A 78 11.52 0.05 5.78
CA ILE A 78 10.30 0.71 5.38
C ILE A 78 9.36 0.69 6.59
N GLU A 79 9.06 1.87 7.12
CA GLU A 79 8.01 1.96 8.13
C GLU A 79 6.67 1.61 7.50
N VAL A 80 5.71 1.25 8.35
CA VAL A 80 4.40 0.78 7.92
C VAL A 80 3.35 1.40 8.83
N ALA A 81 2.41 2.14 8.24
CA ALA A 81 1.37 2.84 8.98
C ALA A 81 -0.01 2.45 8.48
N ILE A 82 -0.92 2.24 9.42
CA ILE A 82 -2.28 1.80 9.14
C ILE A 82 -3.20 2.99 9.39
N ILE A 83 -3.64 3.64 8.31
CA ILE A 83 -4.55 4.76 8.42
C ILE A 83 -5.86 4.30 9.02
N THR A 84 -6.33 5.00 10.06
CA THR A 84 -7.57 4.65 10.73
C THR A 84 -8.74 5.35 10.07
N ILE A 100 5.44 -3.64 16.32
CA ILE A 100 4.17 -3.42 15.63
C ILE A 100 4.25 -2.15 14.80
N THR A 101 3.21 -1.89 14.00
CA THR A 101 3.19 -0.73 13.14
C THR A 101 2.73 0.50 13.92
N HIS A 102 2.60 1.62 13.21
CA HIS A 102 2.24 2.90 13.80
C HIS A 102 0.87 3.32 13.25
N LEU A 103 -0.13 3.36 14.11
CA LEU A 103 -1.47 3.73 13.70
C LEU A 103 -1.68 5.23 13.85
N LYS A 110 -7.95 12.86 7.85
CA LYS A 110 -7.61 12.13 6.63
C LYS A 110 -6.35 12.71 5.98
N LEU A 111 -6.54 13.83 5.27
CA LEU A 111 -5.38 14.55 4.74
C LEU A 111 -4.46 15.01 5.87
N LEU A 112 -5.03 15.40 7.01
CA LEU A 112 -4.21 15.91 8.10
C LEU A 112 -3.52 14.78 8.86
N ALA A 113 -4.16 13.61 8.98
CA ALA A 113 -3.52 12.48 9.64
C ALA A 113 -2.22 12.09 8.94
N PHE A 114 -2.25 12.04 7.60
CA PHE A 114 -1.06 11.81 6.80
C PHE A 114 0.02 12.85 7.11
N ARG A 115 -0.38 14.12 7.23
CA ARG A 115 0.62 15.18 7.44
C ARG A 115 1.20 15.12 8.84
N ASP A 116 0.41 14.70 9.83
CA ASP A 116 0.93 14.57 11.19
C ASP A 116 2.07 13.55 11.25
N LEU A 117 1.89 12.41 10.58
CA LEU A 117 2.92 11.36 10.61
C LEU A 117 4.17 11.79 9.87
N THR A 118 4.03 12.20 8.61
CA THR A 118 5.19 12.60 7.81
C THR A 118 6.01 13.67 8.52
N ASP A 119 5.36 14.59 9.23
CA ASP A 119 6.10 15.51 10.09
C ASP A 119 6.68 14.78 11.28
N LYS A 120 5.91 13.90 11.90
CA LYS A 120 6.37 13.20 13.10
C LYS A 120 7.51 12.25 12.79
N LEU A 121 7.56 11.71 11.58
CA LEU A 121 8.65 10.84 11.17
C LEU A 121 9.69 11.56 10.33
N HIS A 122 9.45 12.84 10.00
CA HIS A 122 10.38 13.65 9.21
C HIS A 122 10.65 13.02 7.85
N VAL A 123 9.61 12.41 7.28
CA VAL A 123 9.70 11.80 5.95
C VAL A 123 9.08 12.74 4.93
N ARG A 124 9.68 12.79 3.77
CA ARG A 124 9.30 13.65 2.66
C ARG A 124 8.25 12.96 1.81
N PRO A 125 7.35 13.72 1.19
CA PRO A 125 6.21 13.08 0.52
C PRO A 125 6.63 12.18 -0.62
N GLU A 126 7.64 12.58 -1.39
CA GLU A 126 8.19 11.72 -2.43
C GLU A 126 8.54 10.33 -1.91
N GLU A 127 8.77 10.20 -0.60
CA GLU A 127 9.24 8.96 0.00
C GLU A 127 8.12 8.14 0.64
N VAL A 128 6.86 8.41 0.29
CA VAL A 128 5.73 7.72 0.90
C VAL A 128 4.98 6.94 -0.17
N ALA A 129 4.59 5.71 0.16
CA ALA A 129 3.70 4.91 -0.67
C ALA A 129 2.36 4.72 0.04
N TYR A 130 1.29 4.67 -0.75
CA TYR A 130 -0.06 4.57 -0.19
C TYR A 130 -0.87 3.55 -0.96
N ILE A 131 -1.39 2.55 -0.25
CA ILE A 131 -2.30 1.56 -0.84
C ILE A 131 -3.71 1.82 -0.33
N GLY A 132 -4.62 2.11 -1.26
CA GLY A 132 -6.01 2.29 -0.92
C GLY A 132 -6.91 1.51 -1.88
N ASP A 133 -8.20 1.57 -1.57
CA ASP A 133 -9.21 0.87 -2.35
C ASP A 133 -10.45 1.70 -2.63
N ASP A 134 -10.61 2.87 -2.01
CA ASP A 134 -11.82 3.65 -2.17
C ASP A 134 -11.49 5.07 -2.60
N LEU A 135 -12.44 5.66 -3.33
CA LEU A 135 -12.30 7.02 -3.80
C LEU A 135 -12.06 8.01 -2.67
N ILE A 136 -12.47 7.69 -1.44
CA ILE A 136 -12.21 8.59 -0.31
C ILE A 136 -10.76 8.59 0.11
N ASP A 137 -9.87 7.91 -0.59
CA ASP A 137 -8.44 7.95 -0.31
C ASP A 137 -7.68 8.83 -1.30
N TRP A 138 -8.35 9.38 -2.29
CA TRP A 138 -7.61 10.03 -3.36
C TRP A 138 -6.85 11.28 -2.91
N PRO A 139 -7.40 12.14 -2.05
CA PRO A 139 -6.62 13.32 -1.64
C PRO A 139 -5.29 12.99 -0.99
N VAL A 140 -5.16 11.84 -0.32
CA VAL A 140 -3.86 11.47 0.23
C VAL A 140 -2.99 10.83 -0.84
N MET A 141 -3.56 9.95 -1.66
CA MET A 141 -2.78 9.31 -2.71
C MET A 141 -2.28 10.31 -3.74
N ALA A 142 -2.85 11.52 -3.75
CA ALA A 142 -2.42 12.57 -4.66
C ALA A 142 -1.13 13.24 -4.23
N GLU A 143 -0.77 13.13 -2.94
CA GLU A 143 0.44 13.75 -2.39
C GLU A 143 1.63 12.78 -2.29
N VAL A 144 1.41 11.49 -2.40
CA VAL A 144 2.46 10.52 -2.10
C VAL A 144 3.25 10.21 -3.38
N GLY A 145 4.53 9.88 -3.19
CA GLY A 145 5.37 9.53 -4.31
C GLY A 145 4.94 8.29 -5.06
N LEU A 146 4.26 7.36 -4.39
CA LEU A 146 3.80 6.12 -5.03
C LEU A 146 2.38 5.80 -4.54
N SER A 147 1.38 6.17 -5.34
CA SER A 147 -0.01 5.83 -5.05
C SER A 147 -0.32 4.47 -5.64
N VAL A 148 -1.00 3.62 -4.87
CA VAL A 148 -1.29 2.26 -5.26
C VAL A 148 -2.78 1.97 -5.07
N ALA A 149 -3.40 1.39 -6.09
CA ALA A 149 -4.77 0.90 -6.01
C ALA A 149 -4.76 -0.62 -6.13
N VAL A 150 -5.47 -1.30 -5.23
CA VAL A 150 -5.60 -2.75 -5.32
C VAL A 150 -6.42 -3.13 -6.55
N ALA A 151 -6.22 -4.37 -7.01
CA ALA A 151 -6.77 -4.78 -8.31
C ALA A 151 -8.27 -4.57 -8.38
N ASP A 152 -8.99 -4.94 -7.31
CA ASP A 152 -10.43 -4.75 -7.20
C ASP A 152 -10.81 -3.50 -6.41
N ALA A 153 -9.95 -2.47 -6.40
CA ALA A 153 -10.33 -1.21 -5.79
C ALA A 153 -11.56 -0.61 -6.50
N HIS A 154 -12.17 0.37 -5.85
CA HIS A 154 -13.25 1.13 -6.44
C HIS A 154 -12.89 1.55 -7.86
N PRO A 155 -13.75 1.30 -8.85
CA PRO A 155 -13.39 1.60 -10.25
C PRO A 155 -12.91 3.01 -10.50
N LEU A 156 -13.45 3.99 -9.77
CA LEU A 156 -13.03 5.36 -9.98
C LEU A 156 -11.64 5.66 -9.42
N LEU A 157 -11.05 4.74 -8.66
CA LEU A 157 -9.71 4.96 -8.11
C LEU A 157 -8.60 4.45 -9.01
N LEU A 158 -8.91 3.45 -9.84
CA LEU A 158 -7.88 2.79 -10.65
C LEU A 158 -7.14 3.71 -11.61
N PRO A 159 -7.79 4.63 -12.32
CA PRO A 159 -7.02 5.53 -13.22
C PRO A 159 -6.16 6.55 -12.49
N ARG A 160 -6.32 6.67 -11.17
CA ARG A 160 -5.61 7.71 -10.43
C ARG A 160 -4.28 7.24 -9.85
N ALA A 161 -4.15 5.94 -9.56
CA ALA A 161 -2.98 5.46 -8.84
C ALA A 161 -1.78 5.33 -9.78
N ASN A 162 -0.58 5.52 -9.21
CA ASN A 162 0.65 5.24 -9.95
C ASN A 162 0.74 3.77 -10.34
N TYR A 163 0.12 2.89 -9.55
CA TYR A 163 0.25 1.47 -9.79
C TYR A 163 -1.05 0.80 -9.35
N VAL A 164 -1.49 -0.17 -10.15
CA VAL A 164 -2.61 -1.04 -9.80
C VAL A 164 -2.06 -2.44 -9.59
N THR A 165 -2.34 -3.02 -8.43
CA THR A 165 -1.80 -4.33 -8.14
C THR A 165 -2.46 -5.38 -9.02
N ARG A 166 -1.86 -6.57 -9.06
CA ARG A 166 -2.48 -7.70 -9.73
C ARG A 166 -3.31 -8.56 -8.80
N ILE A 167 -3.07 -8.48 -7.49
CA ILE A 167 -3.82 -9.23 -6.48
C ILE A 167 -4.91 -8.35 -5.88
N ASN A 168 -6.06 -8.95 -5.56
CA ASN A 168 -7.14 -8.24 -4.89
C ASN A 168 -6.74 -7.90 -3.45
N GLY A 169 -7.45 -6.94 -2.88
CA GLY A 169 -7.31 -6.68 -1.47
C GLY A 169 -7.59 -7.90 -0.62
N GLY A 170 -6.96 -7.97 0.54
CA GLY A 170 -7.12 -9.10 1.42
C GLY A 170 -6.70 -10.43 0.82
N ARG A 171 -6.04 -10.39 -0.34
CA ARG A 171 -5.60 -11.60 -1.01
C ARG A 171 -4.10 -11.60 -1.27
N GLY A 172 -3.37 -10.60 -0.77
CA GLY A 172 -1.93 -10.55 -0.92
C GLY A 172 -1.46 -9.33 -1.68
N ALA A 173 -2.38 -8.39 -1.95
CA ALA A 173 -2.00 -7.16 -2.65
C ALA A 173 -0.93 -6.38 -1.87
N VAL A 174 -1.03 -6.34 -0.54
CA VAL A 174 -0.01 -5.65 0.23
C VAL A 174 1.33 -6.36 0.12
N ARG A 175 1.31 -7.70 0.09
CA ARG A 175 2.54 -8.44 -0.12
C ARG A 175 3.14 -8.13 -1.48
N GLU A 176 2.29 -7.97 -2.50
CA GLU A 176 2.78 -7.63 -3.83
C GLU A 176 3.57 -6.32 -3.79
N VAL A 177 3.02 -5.29 -3.16
CA VAL A 177 3.71 -4.01 -3.08
C VAL A 177 4.98 -4.15 -2.27
N CYS A 178 4.87 -4.76 -1.09
CA CYS A 178 6.04 -5.00 -0.25
C CYS A 178 7.16 -5.67 -1.03
N ASP A 179 6.84 -6.68 -1.85
CA ASP A 179 7.88 -7.35 -2.62
C ASP A 179 8.46 -6.42 -3.69
N LEU A 180 7.60 -5.67 -4.39
CA LEU A 180 8.08 -4.75 -5.42
C LEU A 180 8.96 -3.66 -4.83
N LEU A 181 8.67 -3.20 -3.61
CA LEU A 181 9.47 -2.15 -3.01
C LEU A 181 10.87 -2.66 -2.69
N LEU A 182 10.96 -3.88 -2.15
CA LEU A 182 12.24 -4.45 -1.79
C LEU A 182 13.07 -4.72 -3.04
N LEU A 183 12.42 -5.21 -4.11
CA LEU A 183 13.09 -5.35 -5.40
C LEU A 183 13.62 -4.02 -5.90
N ALA A 184 12.78 -2.98 -5.91
CA ALA A 184 13.20 -1.67 -6.39
C ALA A 184 14.35 -1.09 -5.57
N GLN A 185 14.48 -1.52 -4.32
CA GLN A 185 15.53 -1.04 -3.44
C GLN A 185 16.71 -2.02 -3.35
N GLY A 186 16.77 -3.01 -4.25
CA GLY A 186 17.85 -3.96 -4.25
C GLY A 186 17.93 -4.82 -3.01
N LYS A 187 16.83 -4.95 -2.27
CA LYS A 187 16.80 -5.73 -1.04
C LYS A 187 16.14 -7.10 -1.24
N LEU A 188 15.88 -7.49 -2.47
CA LEU A 188 15.11 -8.70 -2.77
C LEU A 188 15.15 -9.04 -4.26
#